data_8R3F
#
_entry.id   8R3F
#
_cell.length_a   48.775
_cell.length_b   40.279
_cell.length_c   57.419
_cell.angle_alpha   90.000
_cell.angle_beta   97.255
_cell.angle_gamma   90.000
#
_symmetry.space_group_name_H-M   'P 1 21 1'
#
loop_
_entity.id
_entity.type
_entity.pdbx_description
1 polymer 'Nuclear factor of activated T-cells, cytoplasmic 2'
2 non-polymer (4~{S})-6-fluoranyl-3,4-dihydro-2~{H}-chromen-4-amine
3 water water
#
_entity_poly.entity_id   1
_entity_poly.type   'polypeptide(L)'
_entity_poly.pdbx_seq_one_letter_code
;GHELPMVERQDTDSCLVYGGQQMILTGQNFTSESKVVFTEKTTDGQQIWEMEATVDKDKSQPNMLFVEIPEYRNKHIRTP
VKVNFYVINGKRKRSQPQHFTYHPV
;
_entity_poly.pdbx_strand_id   A,B
#
# COMPACT_ATOMS: atom_id res chain seq x y z
N GLU A 3 -12.10 15.19 4.80
CA GLU A 3 -12.26 15.03 6.24
C GLU A 3 -11.44 13.84 6.82
N LEU A 4 -11.02 12.89 5.97
CA LEU A 4 -10.29 11.74 6.48
C LEU A 4 -8.86 12.16 6.82
N PRO A 5 -8.19 11.46 7.75
CA PRO A 5 -6.73 11.61 7.82
C PRO A 5 -6.13 11.18 6.50
N MET A 6 -5.10 11.90 6.06
CA MET A 6 -4.40 11.57 4.82
CA MET A 6 -4.40 11.62 4.81
C MET A 6 -2.92 11.50 5.08
N VAL A 7 -2.28 10.48 4.53
CA VAL A 7 -0.83 10.34 4.59
C VAL A 7 -0.28 10.51 3.18
N GLU A 8 0.50 11.58 2.99
CA GLU A 8 1.15 11.88 1.71
C GLU A 8 2.53 11.24 1.62
N ARG A 9 3.26 11.20 2.74
CA ARG A 9 4.60 10.65 2.75
C ARG A 9 4.96 10.16 4.15
N GLN A 10 5.88 9.22 4.20
CA GLN A 10 6.51 8.77 5.44
C GLN A 10 8.01 8.84 5.24
N ASP A 11 8.74 9.25 6.29
CA ASP A 11 10.19 9.39 6.19
C ASP A 11 10.93 8.08 6.48
N THR A 12 10.21 7.01 6.87
CA THR A 12 10.84 5.73 7.22
C THR A 12 10.01 4.58 6.64
N ASP A 13 10.64 3.71 5.85
CA ASP A 13 9.99 2.57 5.20
C ASP A 13 10.29 1.22 5.84
N SER A 14 11.31 1.13 6.71
CA SER A 14 11.70 -0.13 7.33
C SER A 14 12.45 0.15 8.62
N CYS A 15 12.61 -0.91 9.41
CA CYS A 15 13.53 -0.93 10.56
C CYS A 15 13.65 -2.37 11.07
N LEU A 16 14.55 -2.56 12.03
CA LEU A 16 14.70 -3.86 12.69
C LEU A 16 13.47 -4.20 13.52
N VAL A 17 13.33 -5.51 13.83
CA VAL A 17 12.09 -6.00 14.43
C VAL A 17 11.78 -5.37 15.78
N TYR A 18 12.79 -4.92 16.53
CA TYR A 18 12.47 -4.28 17.81
C TYR A 18 11.64 -3.00 17.62
N GLY A 19 11.71 -2.36 16.46
CA GLY A 19 11.01 -1.08 16.39
C GLY A 19 11.68 -0.05 17.30
N GLY A 20 10.88 0.89 17.80
CA GLY A 20 11.43 1.78 18.81
C GLY A 20 12.23 2.92 18.24
N GLN A 21 11.81 3.44 17.09
CA GLN A 21 12.40 4.56 16.40
C GLN A 21 11.27 5.44 15.86
N GLN A 22 11.58 6.71 15.66
CA GLN A 22 10.59 7.68 15.25
C GLN A 22 10.38 7.67 13.74
N MET A 23 9.11 7.72 13.34
CA MET A 23 8.70 7.90 11.95
C MET A 23 7.90 9.17 11.87
N ILE A 24 8.15 9.96 10.83
CA ILE A 24 7.39 11.19 10.56
C ILE A 24 6.48 11.00 9.38
N LEU A 25 5.18 11.25 9.59
CA LEU A 25 4.18 11.17 8.54
C LEU A 25 3.80 12.60 8.09
N THR A 26 3.89 12.84 6.80
CA THR A 26 3.45 14.08 6.22
C THR A 26 2.05 13.86 5.66
N GLY A 27 1.13 14.75 5.97
CA GLY A 27 -0.22 14.60 5.48
C GLY A 27 -1.15 15.72 5.88
N GLN A 28 -2.42 15.36 6.12
CA GLN A 28 -3.45 16.34 6.43
C GLN A 28 -4.45 15.76 7.42
N ASN A 29 -5.09 16.68 8.18
CA ASN A 29 -6.23 16.39 9.07
C ASN A 29 -5.83 15.52 10.27
N PHE A 30 -4.59 15.65 10.74
CA PHE A 30 -4.19 15.03 12.00
C PHE A 30 -4.62 15.89 13.19
N THR A 31 -4.97 15.24 14.30
CA THR A 31 -5.34 15.94 15.51
C THR A 31 -4.71 15.22 16.70
N SER A 32 -4.84 15.83 17.88
CA SER A 32 -4.35 15.16 19.08
C SER A 32 -5.15 13.90 19.42
N GLU A 33 -6.22 13.60 18.68
CA GLU A 33 -6.96 12.37 18.89
C GLU A 33 -6.70 11.33 17.78
N SER A 34 -5.96 11.69 16.73
CA SER A 34 -5.54 10.70 15.74
C SER A 34 -4.82 9.55 16.41
N LYS A 35 -5.08 8.34 15.95
CA LYS A 35 -4.34 7.16 16.38
C LYS A 35 -3.64 6.60 15.15
N VAL A 36 -2.53 5.91 15.38
CA VAL A 36 -1.78 5.20 14.34
C VAL A 36 -1.81 3.73 14.70
N VAL A 37 -2.21 2.89 13.76
CA VAL A 37 -2.41 1.47 14.00
C VAL A 37 -1.69 0.66 12.94
N PHE A 38 -0.77 -0.18 13.38
CA PHE A 38 -0.03 -1.10 12.52
C PHE A 38 -0.81 -2.42 12.48
N THR A 39 -0.84 -3.05 11.32
CA THR A 39 -1.57 -4.28 11.14
C THR A 39 -0.86 -5.14 10.11
N GLU A 40 -1.23 -6.41 10.08
CA GLU A 40 -0.73 -7.34 9.08
C GLU A 40 -1.83 -8.34 8.75
N LYS A 41 -1.92 -8.67 7.47
CA LYS A 41 -2.92 -9.61 6.97
C LYS A 41 -2.26 -10.70 6.16
N THR A 42 -2.89 -11.88 6.14
CA THR A 42 -2.50 -12.90 5.19
C THR A 42 -3.01 -12.52 3.80
N THR A 43 -2.57 -13.26 2.77
CA THR A 43 -3.04 -13.00 1.41
C THR A 43 -4.55 -13.09 1.29
N ASP A 44 -5.18 -14.00 1.99
CA ASP A 44 -6.63 -14.12 1.92
C ASP A 44 -7.36 -13.14 2.84
N GLY A 45 -6.64 -12.25 3.52
CA GLY A 45 -7.24 -11.14 4.21
C GLY A 45 -7.50 -11.32 5.68
N GLN A 46 -7.07 -12.39 6.30
CA GLN A 46 -7.20 -12.53 7.74
C GLN A 46 -6.18 -11.66 8.46
N GLN A 47 -6.65 -10.83 9.40
CA GLN A 47 -5.75 -9.97 10.17
C GLN A 47 -5.11 -10.81 11.28
N ILE A 48 -3.78 -10.90 11.25
CA ILE A 48 -2.99 -11.71 12.15
C ILE A 48 -2.13 -10.88 13.07
N TRP A 49 -2.21 -9.53 12.98
CA TRP A 49 -1.48 -8.63 13.86
C TRP A 49 -2.18 -7.29 13.91
N GLU A 50 -2.23 -6.71 15.11
CA GLU A 50 -2.68 -5.34 15.29
C GLU A 50 -1.90 -4.72 16.42
N MET A 51 -1.37 -3.52 16.23
CA MET A 51 -0.69 -2.83 17.33
C MET A 51 -0.74 -1.32 17.17
N GLU A 52 -1.31 -0.62 18.15
CA GLU A 52 -1.32 0.83 18.15
C GLU A 52 0.08 1.36 18.43
N ALA A 53 0.44 2.44 17.73
CA ALA A 53 1.74 3.08 17.85
C ALA A 53 1.62 4.39 18.63
N THR A 54 2.64 4.66 19.44
CA THR A 54 2.60 5.86 20.27
C THR A 54 2.87 7.11 19.44
N VAL A 55 1.96 8.07 19.54
CA VAL A 55 2.11 9.37 18.89
C VAL A 55 2.71 10.36 19.89
N ASP A 56 3.71 11.13 19.44
CA ASP A 56 4.27 12.23 20.23
C ASP A 56 3.38 13.44 20.00
N LYS A 57 2.45 13.70 20.93
CA LYS A 57 1.43 14.71 20.66
C LYS A 57 1.92 16.13 20.89
N ASP A 58 3.05 16.29 21.57
CA ASP A 58 3.63 17.62 21.71
C ASP A 58 4.25 18.09 20.40
N LYS A 59 5.02 17.22 19.74
CA LYS A 59 5.70 17.60 18.51
C LYS A 59 4.78 17.65 17.28
N SER A 60 3.70 16.87 17.29
CA SER A 60 2.88 16.70 16.10
C SER A 60 2.04 17.94 15.81
N GLN A 61 1.71 18.09 14.53
CA GLN A 61 0.98 19.22 13.97
C GLN A 61 -0.08 18.67 13.03
N PRO A 62 -1.04 19.51 12.61
CA PRO A 62 -2.12 18.98 11.76
C PRO A 62 -1.65 18.35 10.47
N ASN A 63 -0.45 18.70 9.97
CA ASN A 63 0.09 18.10 8.75
C ASN A 63 1.32 17.22 9.00
N MET A 64 1.67 16.96 10.28
CA MET A 64 2.90 16.24 10.61
C MET A 64 2.72 15.40 11.89
N LEU A 65 2.76 14.08 11.77
CA LEU A 65 2.61 13.18 12.92
C LEU A 65 3.94 12.49 13.23
N PHE A 66 4.34 12.52 14.48
CA PHE A 66 5.54 11.87 14.98
C PHE A 66 5.11 10.58 15.69
N VAL A 67 5.55 9.44 15.20
CA VAL A 67 5.04 8.12 15.56
C VAL A 67 6.20 7.23 15.94
N GLU A 68 6.08 6.52 17.06
CA GLU A 68 7.07 5.53 17.42
C GLU A 68 6.68 4.20 16.78
N ILE A 69 7.56 3.67 15.96
CA ILE A 69 7.33 2.38 15.29
C ILE A 69 7.21 1.27 16.34
N PRO A 70 6.16 0.46 16.30
CA PRO A 70 6.02 -0.63 17.26
C PRO A 70 7.08 -1.71 17.12
N GLU A 71 7.27 -2.45 18.21
CA GLU A 71 7.96 -3.74 18.15
C GLU A 71 7.12 -4.73 17.34
N TYR A 72 7.76 -5.47 16.43
CA TYR A 72 7.00 -6.38 15.58
C TYR A 72 6.52 -7.61 16.38
N ARG A 73 5.45 -8.24 15.85
CA ARG A 73 4.77 -9.36 16.50
C ARG A 73 5.68 -10.51 16.88
N ASN A 74 6.64 -10.86 16.01
CA ASN A 74 7.55 -11.98 16.23
C ASN A 74 8.97 -11.46 16.03
N LYS A 75 9.73 -11.34 17.13
CA LYS A 75 11.10 -10.83 17.06
C LYS A 75 12.06 -11.87 16.52
N HIS A 76 11.58 -13.10 16.26
CA HIS A 76 12.44 -14.17 15.77
C HIS A 76 12.22 -14.48 14.29
N ILE A 77 11.66 -13.54 13.52
CA ILE A 77 11.55 -13.75 12.09
C ILE A 77 12.93 -13.90 11.49
N ARG A 78 13.02 -14.65 10.38
CA ARG A 78 14.29 -14.84 9.70
C ARG A 78 14.33 -14.21 8.30
N THR A 79 13.24 -13.64 7.82
CA THR A 79 13.22 -12.88 6.57
C THR A 79 12.34 -11.65 6.77
N PRO A 80 12.51 -10.61 5.95
CA PRO A 80 11.71 -9.39 6.17
C PRO A 80 10.22 -9.64 6.02
N VAL A 81 9.42 -8.90 6.80
CA VAL A 81 7.97 -9.04 6.81
CA VAL A 81 7.97 -9.03 6.85
C VAL A 81 7.34 -7.68 6.48
N LYS A 82 6.44 -7.69 5.50
CA LYS A 82 5.64 -6.56 5.08
C LYS A 82 4.40 -6.40 5.97
N VAL A 83 4.21 -5.21 6.50
CA VAL A 83 3.05 -4.88 7.31
C VAL A 83 2.44 -3.57 6.77
N ASN A 84 1.35 -3.14 7.39
CA ASN A 84 0.70 -1.88 7.07
C ASN A 84 0.54 -1.02 8.30
N PHE A 85 0.29 0.26 8.07
CA PHE A 85 -0.26 1.11 9.12
C PHE A 85 -1.23 2.09 8.52
N TYR A 86 -2.18 2.55 9.35
CA TYR A 86 -3.09 3.61 8.97
C TYR A 86 -3.26 4.59 10.14
N VAL A 87 -3.72 5.77 9.79
CA VAL A 87 -4.07 6.81 10.77
C VAL A 87 -5.59 6.82 10.80
N ILE A 88 -6.16 6.88 12.02
CA ILE A 88 -7.61 6.86 12.20
C ILE A 88 -8.05 7.96 13.15
N ASN A 89 -9.07 8.71 12.73
CA ASN A 89 -9.76 9.72 13.52
C ASN A 89 -11.14 9.17 13.85
N GLY A 90 -11.47 9.12 15.13
CA GLY A 90 -12.73 8.53 15.54
C GLY A 90 -12.73 7.02 15.35
N LYS A 91 -13.94 6.45 15.18
CA LYS A 91 -14.11 5.00 15.05
C LYS A 91 -13.99 4.51 13.62
N ARG A 92 -14.19 5.34 12.61
CA ARG A 92 -14.26 4.84 11.25
C ARG A 92 -13.44 5.61 10.22
N LYS A 93 -13.00 6.84 10.48
CA LYS A 93 -12.32 7.62 9.45
C LYS A 93 -10.84 7.27 9.40
N ARG A 94 -10.51 6.27 8.62
CA ARG A 94 -9.14 5.83 8.52
C ARG A 94 -8.59 6.19 7.15
N SER A 95 -7.28 6.45 7.17
CA SER A 95 -6.51 6.78 5.99
C SER A 95 -6.35 5.56 5.10
N GLN A 96 -5.81 5.80 3.91
CA GLN A 96 -5.37 4.68 3.09
C GLN A 96 -4.31 3.91 3.87
N PRO A 97 -4.20 2.61 3.64
CA PRO A 97 -3.14 1.82 4.28
C PRO A 97 -1.79 2.17 3.69
N GLN A 98 -0.80 2.35 4.55
CA GLN A 98 0.57 2.59 4.19
C GLN A 98 1.36 1.30 4.40
N HIS A 99 2.55 1.27 3.80
CA HIS A 99 3.40 0.10 3.79
C HIS A 99 4.65 0.30 4.63
N PHE A 100 5.09 -0.77 5.29
CA PHE A 100 6.26 -0.79 6.17
C PHE A 100 6.80 -2.20 6.19
N THR A 101 8.11 -2.31 6.41
CA THR A 101 8.80 -3.60 6.40
C THR A 101 9.67 -3.74 7.63
N TYR A 102 9.48 -4.82 8.37
CA TYR A 102 10.39 -5.12 9.47
C TYR A 102 11.44 -6.11 9.00
N HIS A 103 12.68 -5.95 9.48
CA HIS A 103 13.82 -6.82 9.14
C HIS A 103 14.33 -7.59 10.36
N PRO A 104 14.81 -8.81 10.17
CA PRO A 104 15.32 -9.58 11.33
C PRO A 104 16.54 -8.93 11.98
N VAL A 105 16.74 -9.26 13.26
CA VAL A 105 17.91 -8.78 13.99
C VAL A 105 19.14 -9.44 13.37
N GLU B 3 -16.31 4.85 1.00
CA GLU B 3 -14.98 4.33 1.27
C GLU B 3 -14.22 3.93 -0.01
N LEU B 4 -12.99 4.36 -0.07
CA LEU B 4 -12.15 4.13 -1.22
C LEU B 4 -11.62 2.68 -1.25
N PRO B 5 -11.33 2.14 -2.42
CA PRO B 5 -10.55 0.91 -2.45
C PRO B 5 -9.22 1.11 -1.74
N MET B 6 -8.76 0.04 -1.08
CA MET B 6 -7.54 0.02 -0.29
C MET B 6 -6.76 -1.23 -0.66
N VAL B 7 -5.48 -1.05 -0.94
CA VAL B 7 -4.57 -2.15 -1.24
C VAL B 7 -3.57 -2.28 -0.09
N GLU B 8 -3.69 -3.37 0.64
CA GLU B 8 -2.83 -3.69 1.77
C GLU B 8 -1.64 -4.56 1.37
N ARG B 9 -1.86 -5.47 0.44
CA ARG B 9 -0.78 -6.35 -0.02
C ARG B 9 -0.91 -6.66 -1.52
N GLN B 10 0.22 -7.01 -2.13
CA GLN B 10 0.24 -7.59 -3.45
C GLN B 10 1.20 -8.78 -3.37
N ASP B 11 0.84 -9.89 -3.99
CA ASP B 11 1.71 -11.06 -3.91
C ASP B 11 2.79 -11.08 -4.99
N THR B 12 2.82 -10.06 -5.87
CA THR B 12 3.78 -9.96 -6.96
C THR B 12 4.23 -8.51 -7.05
N ASP B 13 5.55 -8.31 -6.99
CA ASP B 13 6.09 -6.96 -7.14
C ASP B 13 6.66 -6.70 -8.52
N SER B 14 6.93 -7.76 -9.30
CA SER B 14 7.54 -7.57 -10.60
C SER B 14 7.31 -8.81 -11.45
N CYS B 15 7.54 -8.65 -12.75
CA CYS B 15 7.54 -9.78 -13.68
C CYS B 15 8.15 -9.32 -14.98
N LEU B 16 8.34 -10.27 -15.89
CA LEU B 16 8.86 -10.00 -17.22
C LEU B 16 7.84 -9.22 -18.05
N VAL B 17 8.37 -8.56 -19.10
CA VAL B 17 7.55 -7.67 -19.92
C VAL B 17 6.40 -8.41 -20.59
N TYR B 18 6.51 -9.74 -20.72
CA TYR B 18 5.41 -10.47 -21.37
C TYR B 18 4.07 -10.26 -20.66
N GLY B 19 4.08 -10.06 -19.32
CA GLY B 19 2.88 -9.99 -18.51
C GLY B 19 2.21 -11.36 -18.48
N GLY B 20 0.92 -11.36 -18.15
CA GLY B 20 0.08 -12.54 -18.17
C GLY B 20 -0.01 -13.35 -16.90
N GLN B 21 0.90 -13.16 -15.94
CA GLN B 21 0.77 -13.91 -14.70
C GLN B 21 -0.25 -13.24 -13.77
N GLN B 22 -0.75 -14.01 -12.81
CA GLN B 22 -1.78 -13.53 -11.89
C GLN B 22 -1.15 -12.84 -10.70
N MET B 23 -1.71 -11.70 -10.33
CA MET B 23 -1.35 -10.96 -9.15
C MET B 23 -2.57 -10.90 -8.27
N ILE B 24 -2.40 -11.24 -7.00
CA ILE B 24 -3.46 -11.13 -5.99
C ILE B 24 -3.22 -9.88 -5.16
N LEU B 25 -4.24 -9.04 -5.08
CA LEU B 25 -4.24 -7.87 -4.22
C LEU B 25 -5.12 -8.16 -3.02
N THR B 26 -4.60 -7.89 -1.84
CA THR B 26 -5.36 -8.00 -0.60
C THR B 26 -5.70 -6.61 -0.12
N GLY B 27 -6.96 -6.42 0.28
CA GLY B 27 -7.37 -5.12 0.76
C GLY B 27 -8.82 -5.02 1.16
N GLN B 28 -9.41 -3.86 0.88
CA GLN B 28 -10.76 -3.56 1.29
C GLN B 28 -11.51 -2.80 0.21
N ASN B 29 -12.84 -2.97 0.26
CA ASN B 29 -13.80 -2.21 -0.52
C ASN B 29 -13.71 -2.52 -2.01
N PHE B 30 -13.25 -3.71 -2.37
CA PHE B 30 -13.34 -4.16 -3.75
C PHE B 30 -14.75 -4.65 -4.08
N THR B 31 -15.16 -4.44 -5.33
CA THR B 31 -16.45 -4.93 -5.82
C THR B 31 -16.28 -5.54 -7.22
N SER B 32 -17.37 -6.15 -7.75
CA SER B 32 -17.29 -6.70 -9.10
C SER B 32 -17.16 -5.63 -10.19
N GLU B 33 -17.28 -4.37 -9.84
CA GLU B 33 -17.06 -3.29 -10.78
C GLU B 33 -15.71 -2.61 -10.58
N SER B 34 -14.93 -3.01 -9.57
CA SER B 34 -13.59 -2.48 -9.42
C SER B 34 -12.75 -2.74 -10.66
N LYS B 35 -11.93 -1.77 -11.01
CA LYS B 35 -11.00 -1.81 -12.12
C LYS B 35 -9.60 -1.66 -11.58
N VAL B 36 -8.62 -2.23 -12.26
CA VAL B 36 -7.22 -2.09 -11.90
C VAL B 36 -6.55 -1.47 -13.11
N VAL B 37 -5.82 -0.37 -12.90
CA VAL B 37 -5.24 0.43 -13.97
C VAL B 37 -3.76 0.56 -13.70
N PHE B 38 -2.94 0.12 -14.65
CA PHE B 38 -1.50 0.31 -14.64
C PHE B 38 -1.16 1.59 -15.37
N THR B 39 -0.17 2.31 -14.88
CA THR B 39 0.20 3.57 -15.48
C THR B 39 1.73 3.72 -15.41
N GLU B 40 2.25 4.61 -16.25
CA GLU B 40 3.66 5.03 -16.21
C GLU B 40 3.74 6.54 -16.49
N LYS B 41 4.53 7.25 -15.78
CA LYS B 41 4.70 8.66 -16.09
C LYS B 41 6.16 9.08 -16.00
N THR B 42 6.52 10.06 -16.77
CA THR B 42 7.87 10.65 -16.83
C THR B 42 8.13 11.44 -15.53
N THR B 43 9.30 11.92 -15.27
CA THR B 43 9.49 12.54 -13.98
C THR B 43 8.85 13.95 -13.97
N ASP B 44 8.68 14.61 -15.18
CA ASP B 44 7.85 15.89 -15.16
C ASP B 44 6.34 15.60 -14.98
N GLY B 45 5.99 14.32 -14.89
CA GLY B 45 4.65 13.93 -14.51
C GLY B 45 3.70 13.68 -15.66
N GLN B 46 4.17 13.65 -16.89
CA GLN B 46 3.33 13.31 -18.03
C GLN B 46 3.08 11.80 -18.02
N GLN B 47 1.81 11.41 -18.06
CA GLN B 47 1.48 10.00 -18.13
C GLN B 47 1.77 9.52 -19.55
N ILE B 48 2.59 8.49 -19.64
CA ILE B 48 3.01 7.96 -20.93
C ILE B 48 2.47 6.56 -21.21
N TRP B 49 1.75 5.98 -20.26
CA TRP B 49 1.12 4.68 -20.39
C TRP B 49 -0.06 4.59 -19.43
N GLU B 50 -1.13 4.02 -19.94
CA GLU B 50 -2.30 3.67 -19.16
C GLU B 50 -2.83 2.36 -19.73
N MET B 51 -3.02 1.35 -18.88
CA MET B 51 -3.55 0.07 -19.36
C MET B 51 -4.37 -0.57 -18.24
N GLU B 52 -5.63 -0.83 -18.54
CA GLU B 52 -6.47 -1.57 -17.62
C GLU B 52 -6.05 -3.03 -17.60
N ALA B 53 -6.04 -3.61 -16.40
CA ALA B 53 -5.73 -5.01 -16.20
C ALA B 53 -7.03 -5.78 -15.98
N THR B 54 -7.08 -6.98 -16.55
CA THR B 54 -8.26 -7.85 -16.46
C THR B 54 -8.36 -8.46 -15.07
N VAL B 55 -9.51 -8.28 -14.45
CA VAL B 55 -9.82 -8.85 -13.15
C VAL B 55 -10.59 -10.15 -13.35
N ASP B 56 -10.24 -11.17 -12.58
CA ASP B 56 -11.03 -12.39 -12.56
C ASP B 56 -12.15 -12.16 -11.57
N LYS B 57 -13.33 -11.84 -12.10
CA LYS B 57 -14.44 -11.40 -11.24
C LYS B 57 -15.15 -12.55 -10.55
N ASP B 58 -14.94 -13.79 -11.01
CA ASP B 58 -15.45 -14.97 -10.32
C ASP B 58 -14.68 -15.24 -9.03
N LYS B 59 -13.34 -15.18 -9.09
CA LYS B 59 -12.53 -15.52 -7.93
C LYS B 59 -12.44 -14.38 -6.91
N SER B 60 -12.56 -13.13 -7.36
CA SER B 60 -12.32 -11.99 -6.49
C SER B 60 -13.44 -11.84 -5.45
N GLN B 61 -13.08 -11.24 -4.32
CA GLN B 61 -13.90 -11.08 -3.13
C GLN B 61 -13.73 -9.62 -2.68
N PRO B 62 -14.52 -9.15 -1.70
CA PRO B 62 -14.39 -7.73 -1.31
C PRO B 62 -13.02 -7.35 -0.79
N ASN B 63 -12.21 -8.32 -0.35
CA ASN B 63 -10.86 -8.10 0.16
C ASN B 63 -9.77 -8.74 -0.70
N MET B 64 -10.11 -9.29 -1.86
CA MET B 64 -9.14 -9.97 -2.74
C MET B 64 -9.49 -9.70 -4.19
N LEU B 65 -8.55 -9.13 -4.91
CA LEU B 65 -8.67 -8.95 -6.35
C LEU B 65 -7.65 -9.85 -7.04
N PHE B 66 -8.12 -10.65 -7.97
CA PHE B 66 -7.30 -11.52 -8.80
C PHE B 66 -7.12 -10.82 -10.16
N VAL B 67 -5.89 -10.47 -10.48
CA VAL B 67 -5.58 -9.52 -11.55
C VAL B 67 -4.60 -10.16 -12.51
N GLU B 68 -4.87 -10.05 -13.82
CA GLU B 68 -3.92 -10.49 -14.83
C GLU B 68 -2.97 -9.34 -15.11
N ILE B 69 -1.69 -9.54 -14.87
CA ILE B 69 -0.73 -8.44 -15.10
C ILE B 69 -0.65 -8.13 -16.59
N PRO B 70 -0.79 -6.88 -17.02
CA PRO B 70 -0.76 -6.58 -18.45
C PRO B 70 0.61 -6.84 -19.05
N GLU B 71 0.63 -7.07 -20.35
CA GLU B 71 1.86 -6.99 -21.12
C GLU B 71 2.38 -5.56 -21.06
N TYR B 72 3.69 -5.38 -20.91
CA TYR B 72 4.25 -4.03 -20.89
C TYR B 72 4.23 -3.47 -22.32
N ARG B 73 4.21 -2.13 -22.44
CA ARG B 73 4.00 -1.49 -23.73
C ARG B 73 5.13 -1.74 -24.74
N ASN B 74 6.36 -1.97 -24.25
CA ASN B 74 7.48 -2.23 -25.14
C ASN B 74 8.28 -3.42 -24.60
N LYS B 75 8.15 -4.57 -25.27
CA LYS B 75 8.86 -5.78 -24.89
C LYS B 75 10.34 -5.76 -25.28
N HIS B 76 10.83 -4.69 -25.89
CA HIS B 76 12.24 -4.59 -26.28
C HIS B 76 13.08 -3.73 -25.31
N ILE B 77 12.56 -3.41 -24.12
CA ILE B 77 13.36 -2.65 -23.15
C ILE B 77 14.57 -3.46 -22.70
N ARG B 78 15.63 -2.76 -22.33
CA ARG B 78 16.85 -3.42 -21.90
C ARG B 78 17.18 -3.20 -20.43
N THR B 79 16.42 -2.37 -19.72
CA THR B 79 16.57 -2.18 -18.28
C THR B 79 15.18 -2.16 -17.67
N PRO B 80 15.05 -2.49 -16.38
CA PRO B 80 13.71 -2.58 -15.79
C PRO B 80 13.02 -1.22 -15.79
N VAL B 81 11.69 -1.26 -15.82
CA VAL B 81 10.88 -0.03 -15.83
CA VAL B 81 10.86 -0.05 -15.85
C VAL B 81 9.93 -0.06 -14.63
N LYS B 82 9.96 1.02 -13.85
CA LYS B 82 9.07 1.16 -12.70
C LYS B 82 7.75 1.72 -13.19
N VAL B 83 6.66 1.11 -12.77
CA VAL B 83 5.34 1.59 -13.10
C VAL B 83 4.51 1.61 -11.83
N ASN B 84 3.28 2.11 -11.93
CA ASN B 84 2.34 2.14 -10.82
C ASN B 84 1.06 1.43 -11.24
N PHE B 85 0.24 1.06 -10.27
CA PHE B 85 -1.13 0.63 -10.52
C PHE B 85 -2.00 1.14 -9.39
N TYR B 86 -3.29 1.30 -9.67
CA TYR B 86 -4.28 1.63 -8.67
C TYR B 86 -5.58 0.87 -8.94
N VAL B 87 -6.41 0.79 -7.90
CA VAL B 87 -7.73 0.18 -7.99
C VAL B 87 -8.72 1.33 -7.93
N ILE B 88 -9.71 1.31 -8.82
CA ILE B 88 -10.69 2.39 -8.92
C ILE B 88 -12.10 1.82 -8.96
N ASN B 89 -12.98 2.39 -8.14
CA ASN B 89 -14.40 2.08 -8.09
C ASN B 89 -15.16 3.26 -8.67
N GLY B 90 -16.02 2.98 -9.63
CA GLY B 90 -16.77 4.08 -10.23
C GLY B 90 -15.90 5.00 -11.09
N LYS B 91 -16.29 6.27 -11.09
CA LYS B 91 -15.62 7.23 -11.95
C LYS B 91 -14.32 7.74 -11.35
N ARG B 92 -14.23 7.82 -10.02
CA ARG B 92 -13.06 8.49 -9.43
C ARG B 92 -12.56 7.98 -8.09
N LYS B 93 -13.26 7.06 -7.40
CA LYS B 93 -12.82 6.60 -6.08
C LYS B 93 -11.68 5.60 -6.21
N ARG B 94 -10.43 6.09 -6.13
CA ARG B 94 -9.26 5.24 -6.35
C ARG B 94 -8.39 5.07 -5.11
N SER B 95 -7.70 3.93 -5.10
CA SER B 95 -6.68 3.73 -4.09
C SER B 95 -5.49 4.63 -4.41
N GLN B 96 -4.61 4.84 -3.43
CA GLN B 96 -3.32 5.45 -3.69
C GLN B 96 -2.51 4.53 -4.62
N PRO B 97 -1.52 5.10 -5.30
CA PRO B 97 -0.72 4.29 -6.24
C PRO B 97 0.12 3.23 -5.55
N GLN B 98 0.16 2.05 -6.15
CA GLN B 98 0.99 0.92 -5.78
C GLN B 98 2.13 0.86 -6.79
N HIS B 99 3.18 0.11 -6.44
CA HIS B 99 4.37 0.02 -7.26
C HIS B 99 4.50 -1.38 -7.88
N PHE B 100 5.12 -1.38 -9.08
CA PHE B 100 5.35 -2.59 -9.85
C PHE B 100 6.53 -2.34 -10.79
N THR B 101 7.25 -3.42 -11.13
CA THR B 101 8.40 -3.32 -12.01
C THR B 101 8.33 -4.37 -13.12
N TYR B 102 8.50 -3.95 -14.39
CA TYR B 102 8.65 -4.88 -15.50
C TYR B 102 10.14 -5.07 -15.79
N HIS B 103 10.54 -6.35 -16.05
CA HIS B 103 11.92 -6.72 -16.32
C HIS B 103 12.07 -7.16 -17.77
N PRO B 104 13.23 -6.89 -18.40
CA PRO B 104 13.47 -7.24 -19.82
C PRO B 104 13.58 -8.74 -20.15
#